data_6QFE
#
_entry.id   6QFE
#
_cell.length_a   126.916
_cell.length_b   83.840
_cell.length_c   62.714
_cell.angle_alpha   90.000
_cell.angle_beta   116.230
_cell.angle_gamma   90.000
#
_symmetry.space_group_name_H-M   'C 1 2 1'
#
loop_
_entity.id
_entity.type
_entity.pdbx_description
1 polymer Kallikrein-5
2 branched 2-acetamido-2-deoxy-beta-D-glucopyranose-(1-4)-2-acetamido-2-deoxy-beta-D-glucopyranose
3 non-polymer 2-acetamido-2-deoxy-beta-D-glucopyranose
4 non-polymer 'SODIUM ION'
5 non-polymer 4-[(5-phenyl-1~{H}-imidazol-2-yl)methylamino]-2-(pyridin-3-ylmethoxy)benzenecarboximidamide
6 water water
#
_entity_poly.entity_id   1
_entity_poly.type   'polypeptide(L)'
_entity_poly.pdbx_seq_one_letter_code
;IINGSDCDMHTQPWQAALLLRPNQLYCGAVLVHPQWLLTAAHCRKKVFRVRLGHYSLSPVYESGQQMFQGVKSIPHPGYS
HPGHSNDLMLIKLNRRIRPTKDVRPINVSSHCPSAGTKCLVSGWGTTKSPQVHFPKVLQCLNISVLSQKRCEDAYPRQID
DTMFCAGDKAGRDSCQGDSGGPVVCNGSLQGLVSWGDYPCARPNRPGVYTNLCKFTKWIQETIQANS
;
_entity_poly.pdbx_strand_id   A,B
#
# COMPACT_ATOMS: atom_id res chain seq x y z
N ILE A 1 -4.00 -0.19 10.95
CA ILE A 1 -4.89 0.70 11.68
C ILE A 1 -4.14 2.01 11.93
N ILE A 2 -4.68 3.09 11.40
CA ILE A 2 -4.10 4.43 11.56
C ILE A 2 -4.61 5.08 12.85
N ASN A 3 -3.65 5.48 13.70
CA ASN A 3 -3.89 6.20 14.95
C ASN A 3 -4.82 5.44 15.93
N GLY A 4 -4.62 4.14 15.98
CA GLY A 4 -5.27 3.27 16.96
C GLY A 4 -4.26 3.10 18.09
N SER A 5 -4.48 2.08 18.93
CA SER A 5 -3.56 1.78 20.04
CA SER A 5 -3.60 1.77 20.07
C SER A 5 -3.35 0.29 20.15
N ASP A 6 -2.29 -0.15 20.89
CA ASP A 6 -2.05 -1.56 21.10
C ASP A 6 -3.30 -2.10 21.80
N CYS A 7 -3.88 -3.19 21.28
CA CYS A 7 -5.05 -3.80 21.92
C CYS A 7 -4.61 -4.30 23.28
N ASP A 8 -5.53 -4.47 24.20
CA ASP A 8 -5.05 -5.07 25.46
C ASP A 8 -4.85 -6.59 25.17
N MET A 9 -3.81 -7.23 25.73
CA MET A 9 -3.62 -8.66 25.48
C MET A 9 -4.86 -9.45 25.97
N HIS A 10 -5.22 -10.54 25.27
CA HIS A 10 -6.38 -11.40 25.60
C HIS A 10 -7.77 -10.71 25.44
N THR A 11 -7.87 -9.54 24.77
CA THR A 11 -9.19 -8.85 24.65
C THR A 11 -9.92 -9.02 23.34
N GLN A 12 -9.24 -9.50 22.28
CA GLN A 12 -9.87 -9.69 20.97
C GLN A 12 -9.69 -11.18 20.60
N PRO A 13 -10.32 -12.12 21.36
CA PRO A 13 -10.06 -13.55 21.12
C PRO A 13 -10.64 -14.15 19.84
N TRP A 14 -11.43 -13.37 19.12
CA TRP A 14 -12.01 -13.76 17.85
C TRP A 14 -11.12 -13.32 16.68
N GLN A 15 -10.09 -12.48 16.94
CA GLN A 15 -9.22 -12.00 15.88
C GLN A 15 -8.37 -13.11 15.29
N ALA A 16 -8.36 -13.24 13.96
CA ALA A 16 -7.53 -14.24 13.32
C ALA A 16 -6.59 -13.55 12.33
N ALA A 17 -5.54 -14.27 11.92
CA ALA A 17 -4.60 -13.81 10.90
C ALA A 17 -4.54 -14.89 9.82
N LEU A 18 -4.66 -14.49 8.55
CA LEU A 18 -4.52 -15.41 7.41
C LEU A 18 -3.10 -15.20 6.96
N LEU A 19 -2.31 -16.27 6.99
CA LEU A 19 -0.89 -16.22 6.68
C LEU A 19 -0.56 -16.92 5.42
N LEU A 20 0.44 -16.37 4.73
CA LEU A 20 1.04 -16.99 3.54
C LEU A 20 2.40 -17.57 3.97
N ARG A 21 2.90 -18.56 3.24
CA ARG A 21 4.15 -19.27 3.56
C ARG A 21 5.39 -18.36 3.76
N PRO A 22 6.14 -18.47 4.88
CA PRO A 22 5.94 -19.35 6.06
C PRO A 22 4.97 -18.78 7.10
N ASN A 23 5.00 -17.44 7.34
CA ASN A 23 4.12 -16.76 8.31
C ASN A 23 3.91 -15.26 7.95
N GLN A 24 3.64 -14.99 6.65
CA GLN A 24 3.47 -13.64 6.11
C GLN A 24 2.01 -13.20 6.26
N LEU A 25 1.78 -12.12 7.00
CA LEU A 25 0.43 -11.63 7.20
C LEU A 25 -0.17 -11.25 5.84
N TYR A 26 -1.32 -11.85 5.53
CA TYR A 26 -1.98 -11.55 4.28
C TYR A 26 -3.23 -10.69 4.53
N CYS A 27 -4.12 -11.17 5.41
CA CYS A 27 -5.37 -10.50 5.74
C CYS A 27 -5.75 -10.83 7.18
N GLY A 28 -6.63 -10.02 7.72
CA GLY A 28 -7.29 -10.28 8.99
C GLY A 28 -8.47 -11.19 8.68
N ALA A 29 -9.03 -11.80 9.72
CA ALA A 29 -10.18 -12.67 9.67
C ALA A 29 -10.74 -12.70 11.08
N VAL A 30 -11.96 -13.26 11.20
CA VAL A 30 -12.68 -13.27 12.46
C VAL A 30 -13.29 -14.65 12.69
N LEU A 31 -13.04 -15.22 13.87
CA LEU A 31 -13.64 -16.49 14.31
C LEU A 31 -15.14 -16.27 14.67
N VAL A 32 -16.05 -16.87 13.89
CA VAL A 32 -17.49 -16.69 14.12
C VAL A 32 -18.23 -17.97 14.58
N HIS A 33 -17.51 -19.08 14.60
CA HIS A 33 -18.04 -20.40 14.96
C HIS A 33 -16.84 -21.21 15.41
N PRO A 34 -16.99 -22.28 16.22
CA PRO A 34 -15.81 -23.08 16.58
C PRO A 34 -15.00 -23.64 15.40
N GLN A 35 -15.58 -23.71 14.19
CA GLN A 35 -14.86 -24.22 13.01
C GLN A 35 -14.89 -23.27 11.79
N TRP A 36 -15.34 -21.99 11.95
CA TRP A 36 -15.43 -21.09 10.80
C TRP A 36 -14.97 -19.68 11.06
N LEU A 37 -14.36 -19.08 10.01
CA LEU A 37 -13.97 -17.69 10.00
C LEU A 37 -14.77 -16.96 8.95
N LEU A 38 -14.84 -15.64 9.11
CA LEU A 38 -15.28 -14.71 8.10
C LEU A 38 -14.03 -13.89 7.74
N THR A 39 -13.88 -13.55 6.47
CA THR A 39 -12.85 -12.66 5.99
C THR A 39 -13.44 -11.91 4.81
N ALA A 40 -12.70 -10.95 4.24
CA ALA A 40 -13.22 -10.25 3.08
C ALA A 40 -13.07 -11.20 1.88
N ALA A 41 -14.04 -11.19 0.97
CA ALA A 41 -13.94 -12.03 -0.22
C ALA A 41 -12.77 -11.59 -1.12
N HIS A 42 -12.30 -10.31 -0.98
CA HIS A 42 -11.17 -9.83 -1.79
C HIS A 42 -9.83 -10.44 -1.31
N CYS A 43 -9.83 -11.12 -0.12
CA CYS A 43 -8.65 -11.81 0.42
C CYS A 43 -8.65 -13.21 -0.23
N ARG A 44 -8.47 -13.24 -1.55
CA ARG A 44 -8.64 -14.39 -2.45
C ARG A 44 -7.53 -15.42 -2.44
N LYS A 45 -6.29 -15.01 -2.24
CA LYS A 45 -5.15 -15.94 -2.28
C LYS A 45 -5.34 -17.13 -1.36
N LYS A 46 -4.87 -18.29 -1.81
CA LYS A 46 -4.95 -19.52 -1.04
C LYS A 46 -4.17 -19.33 0.27
N VAL A 47 -4.86 -19.48 1.41
CA VAL A 47 -4.27 -19.32 2.73
C VAL A 47 -3.36 -20.53 3.06
N PHE A 48 -2.14 -20.26 3.58
CA PHE A 48 -1.22 -21.33 4.03
C PHE A 48 -1.65 -21.81 5.44
N ARG A 49 -1.72 -20.87 6.41
CA ARG A 49 -2.13 -21.17 7.76
C ARG A 49 -3.03 -20.07 8.33
N VAL A 50 -3.97 -20.49 9.18
CA VAL A 50 -4.83 -19.61 9.97
C VAL A 50 -4.14 -19.54 11.33
N ARG A 51 -3.92 -18.33 11.86
CA ARG A 51 -3.34 -18.18 13.19
C ARG A 51 -4.34 -17.50 14.12
N LEU A 52 -4.69 -18.17 15.23
CA LEU A 52 -5.59 -17.65 16.26
C LEU A 52 -4.87 -17.53 17.61
N GLY A 53 -5.45 -16.76 18.53
CA GLY A 53 -4.98 -16.55 19.90
C GLY A 53 -3.57 -16.02 20.01
N HIS A 54 -3.21 -15.13 19.08
CA HIS A 54 -1.88 -14.58 18.95
C HIS A 54 -1.97 -13.07 18.78
N TYR A 55 -1.18 -12.37 19.60
CA TYR A 55 -1.15 -10.91 19.69
C TYR A 55 -0.15 -10.25 18.78
N SER A 56 1.09 -10.78 18.71
CA SER A 56 2.14 -10.14 17.90
C SER A 56 1.98 -10.41 16.42
N LEU A 57 2.53 -9.52 15.61
CA LEU A 57 2.54 -9.70 14.16
C LEU A 57 3.59 -10.78 13.78
N SER A 58 4.74 -10.76 14.48
CA SER A 58 5.82 -11.74 14.24
C SER A 58 5.44 -13.18 14.70
N PRO A 59 6.17 -14.24 14.24
CA PRO A 59 5.84 -15.62 14.66
C PRO A 59 6.23 -16.02 16.09
N VAL A 60 6.70 -15.06 16.93
CA VAL A 60 7.07 -15.28 18.34
C VAL A 60 6.02 -16.18 19.04
N TYR A 61 6.46 -17.20 19.79
CA TYR A 61 5.55 -18.12 20.47
C TYR A 61 4.74 -17.46 21.56
N GLU A 62 3.45 -17.80 21.59
CA GLU A 62 2.54 -17.31 22.62
C GLU A 62 1.76 -18.55 23.03
N SER A 63 1.63 -18.81 24.34
CA SER A 63 0.95 -20.00 24.86
C SER A 63 -0.50 -20.18 24.36
N GLY A 64 -1.19 -19.06 24.07
CA GLY A 64 -2.57 -19.09 23.61
C GLY A 64 -2.79 -19.34 22.13
N GLN A 65 -1.71 -19.39 21.33
CA GLN A 65 -1.81 -19.56 19.87
C GLN A 65 -2.35 -20.93 19.45
N GLN A 66 -3.16 -20.93 18.40
CA GLN A 66 -3.73 -22.14 17.80
C GLN A 66 -3.64 -21.99 16.28
N MET A 67 -2.99 -22.96 15.61
CA MET A 67 -2.79 -22.98 14.15
C MET A 67 -3.76 -23.92 13.46
N PHE A 68 -4.26 -23.52 12.28
CA PHE A 68 -5.19 -24.30 11.49
C PHE A 68 -4.90 -24.16 10.02
N GLN A 69 -5.56 -24.99 9.23
CA GLN A 69 -5.57 -24.92 7.78
C GLN A 69 -7.02 -24.68 7.37
N GLY A 70 -7.19 -23.94 6.27
CA GLY A 70 -8.52 -23.73 5.70
C GLY A 70 -8.81 -24.93 4.80
N VAL A 71 -10.01 -25.50 4.87
CA VAL A 71 -10.37 -26.68 4.04
C VAL A 71 -11.47 -26.31 3.04
N LYS A 72 -12.20 -25.23 3.34
CA LYS A 72 -13.23 -24.66 2.47
C LYS A 72 -13.11 -23.15 2.58
N SER A 73 -13.31 -22.46 1.45
CA SER A 73 -13.32 -20.99 1.39
C SER A 73 -14.44 -20.63 0.45
N ILE A 74 -15.52 -20.16 1.04
CA ILE A 74 -16.73 -19.91 0.29
C ILE A 74 -17.03 -18.44 0.26
N PRO A 75 -16.72 -17.75 -0.89
CA PRO A 75 -17.08 -16.32 -0.98
C PRO A 75 -18.59 -16.21 -1.14
N HIS A 76 -19.19 -15.09 -0.73
CA HIS A 76 -20.62 -14.89 -0.92
C HIS A 76 -20.91 -15.01 -2.42
N PRO A 77 -21.96 -15.75 -2.86
CA PRO A 77 -22.18 -15.89 -4.31
C PRO A 77 -22.45 -14.58 -5.07
N GLY A 78 -22.77 -13.50 -4.35
CA GLY A 78 -23.02 -12.20 -4.97
C GLY A 78 -21.76 -11.36 -5.17
N TYR A 79 -20.64 -11.81 -4.63
CA TYR A 79 -19.35 -11.13 -4.81
C TYR A 79 -18.91 -11.38 -6.28
N SER A 80 -18.37 -10.37 -6.90
CA SER A 80 -17.85 -10.45 -8.26
C SER A 80 -16.56 -9.59 -8.33
N HIS A 81 -15.39 -10.26 -8.12
CA HIS A 81 -14.07 -9.60 -8.13
C HIS A 81 -13.87 -8.81 -9.45
N PRO A 82 -13.37 -7.55 -9.42
CA PRO A 82 -12.87 -6.76 -8.27
C PRO A 82 -13.88 -5.82 -7.62
N GLY A 83 -15.17 -6.00 -7.88
CA GLY A 83 -16.19 -5.15 -7.25
C GLY A 83 -16.24 -5.26 -5.73
N HIS A 84 -16.63 -4.16 -5.03
CA HIS A 84 -16.69 -4.15 -3.56
C HIS A 84 -17.93 -4.80 -2.93
N SER A 85 -19.04 -4.93 -3.66
CA SER A 85 -20.28 -5.51 -3.09
C SER A 85 -20.15 -6.94 -2.59
N ASN A 86 -20.84 -7.26 -1.47
CA ASN A 86 -20.88 -8.61 -0.91
C ASN A 86 -19.48 -9.10 -0.58
N ASP A 87 -18.70 -8.23 0.06
CA ASP A 87 -17.30 -8.52 0.34
C ASP A 87 -17.14 -9.34 1.59
N LEU A 88 -17.62 -10.60 1.55
CA LEU A 88 -17.45 -11.53 2.66
C LEU A 88 -17.22 -12.94 2.16
N MET A 89 -16.48 -13.70 2.95
CA MET A 89 -16.16 -15.07 2.63
C MET A 89 -16.05 -15.88 3.90
N LEU A 90 -16.60 -17.10 3.89
CA LEU A 90 -16.48 -18.03 5.01
C LEU A 90 -15.30 -18.98 4.80
N ILE A 91 -14.49 -19.19 5.83
CA ILE A 91 -13.37 -20.14 5.78
C ILE A 91 -13.62 -21.23 6.81
N LYS A 92 -13.63 -22.50 6.38
CA LYS A 92 -13.81 -23.61 7.31
C LYS A 92 -12.45 -24.07 7.77
N LEU A 93 -12.26 -24.18 9.10
CA LEU A 93 -11.01 -24.67 9.67
C LEU A 93 -10.98 -26.22 9.58
N ASN A 94 -9.77 -26.82 9.55
CA ASN A 94 -9.57 -28.27 9.47
C ASN A 94 -10.10 -29.03 10.69
N ARG A 95 -10.16 -28.35 11.85
CA ARG A 95 -10.67 -28.88 13.11
C ARG A 95 -11.32 -27.74 13.88
N ARG A 96 -12.17 -28.08 14.85
CA ARG A 96 -12.78 -27.10 15.74
C ARG A 96 -11.70 -26.51 16.66
N ILE A 97 -11.88 -25.27 17.11
CA ILE A 97 -10.93 -24.64 18.02
C ILE A 97 -10.97 -25.32 19.41
N ARG A 98 -9.93 -25.11 20.20
CA ARG A 98 -9.85 -25.54 21.60
C ARG A 98 -10.30 -24.27 22.36
N PRO A 99 -11.51 -24.27 22.98
CA PRO A 99 -11.98 -23.03 23.62
C PRO A 99 -11.12 -22.54 24.78
N THR A 100 -10.53 -21.33 24.64
CA THR A 100 -9.70 -20.70 25.69
C THR A 100 -10.05 -19.22 25.83
N LYS A 101 -9.37 -18.52 26.76
CA LYS A 101 -9.54 -17.08 26.96
C LYS A 101 -8.96 -16.31 25.76
N ASP A 102 -8.01 -16.95 25.01
CA ASP A 102 -7.38 -16.35 23.84
C ASP A 102 -8.08 -16.69 22.51
N VAL A 103 -8.84 -17.79 22.48
CA VAL A 103 -9.52 -18.25 21.26
C VAL A 103 -11.00 -18.45 21.58
N ARG A 104 -11.82 -17.52 21.08
CA ARG A 104 -13.25 -17.54 21.34
C ARG A 104 -14.03 -16.97 20.16
N PRO A 105 -15.09 -17.65 19.68
CA PRO A 105 -15.89 -17.09 18.58
C PRO A 105 -16.72 -15.88 19.01
N ILE A 106 -17.12 -15.07 18.01
CA ILE A 106 -17.99 -13.92 18.23
C ILE A 106 -19.20 -14.08 17.29
N ASN A 107 -20.38 -13.65 17.73
CA ASN A 107 -21.56 -13.78 16.90
C ASN A 107 -21.87 -12.54 16.10
N VAL A 108 -22.50 -12.74 14.92
CA VAL A 108 -22.97 -11.69 14.03
C VAL A 108 -24.45 -11.52 14.34
N SER A 109 -24.87 -10.30 14.63
CA SER A 109 -26.27 -10.03 14.91
C SER A 109 -26.96 -9.52 13.65
N SER A 110 -28.25 -9.90 13.48
CA SER A 110 -29.05 -9.42 12.35
CA SER A 110 -29.05 -9.44 12.35
C SER A 110 -29.43 -7.96 12.53
N HIS A 111 -29.25 -7.40 13.76
CA HIS A 111 -29.55 -6.00 14.01
C HIS A 111 -28.44 -5.16 13.38
N CYS A 112 -28.81 -4.30 12.44
CA CYS A 112 -27.86 -3.43 11.78
C CYS A 112 -27.46 -2.29 12.73
N PRO A 113 -26.16 -2.04 12.97
CA PRO A 113 -25.79 -0.93 13.87
C PRO A 113 -26.24 0.41 13.27
N SER A 114 -26.80 1.28 14.11
CA SER A 114 -27.33 2.56 13.66
C SER A 114 -26.27 3.65 13.57
N ALA A 115 -26.55 4.73 12.82
CA ALA A 115 -25.64 5.87 12.67
C ALA A 115 -25.34 6.48 14.04
N GLY A 116 -24.06 6.73 14.30
CA GLY A 116 -23.57 7.24 15.57
C GLY A 116 -23.06 6.16 16.49
N THR A 117 -23.39 4.88 16.24
CA THR A 117 -22.93 3.74 17.08
C THR A 117 -21.41 3.67 17.07
N LYS A 118 -20.82 3.50 18.25
CA LYS A 118 -19.37 3.36 18.44
C LYS A 118 -18.96 1.89 18.25
N CYS A 119 -18.02 1.64 17.34
CA CYS A 119 -17.52 0.29 17.05
C CYS A 119 -16.01 0.24 17.18
N LEU A 120 -15.47 -0.95 17.45
CA LEU A 120 -14.05 -1.16 17.50
C LEU A 120 -13.58 -1.95 16.27
N VAL A 121 -12.55 -1.43 15.57
CA VAL A 121 -11.91 -2.10 14.43
C VAL A 121 -10.47 -2.50 14.83
N SER A 122 -10.00 -3.68 14.37
CA SER A 122 -8.66 -4.12 14.78
C SER A 122 -7.92 -4.77 13.64
N GLY A 123 -6.59 -4.72 13.69
CA GLY A 123 -5.78 -5.33 12.66
C GLY A 123 -4.30 -5.10 12.81
N TRP A 124 -3.50 -5.77 11.95
CA TRP A 124 -2.03 -5.67 11.95
C TRP A 124 -1.58 -4.93 10.70
N GLY A 125 -2.51 -4.25 10.04
CA GLY A 125 -2.23 -3.47 8.84
C GLY A 125 -1.36 -2.27 9.13
N THR A 126 -0.99 -1.53 8.08
CA THR A 126 -0.13 -0.37 8.28
C THR A 126 -0.72 0.66 9.29
N THR A 127 0.16 1.24 10.12
CA THR A 127 -0.22 2.28 11.10
C THR A 127 -0.01 3.68 10.50
N LYS A 128 0.58 3.73 9.31
CA LYS A 128 0.80 4.96 8.58
C LYS A 128 0.26 4.82 7.15
N SER A 129 -0.06 5.92 6.53
CA SER A 129 -0.48 5.96 5.13
C SER A 129 -0.20 7.38 4.63
N PRO A 130 0.43 7.59 3.45
CA PRO A 130 0.87 6.58 2.44
C PRO A 130 2.06 5.70 2.79
N GLN A 131 2.87 6.06 3.80
CA GLN A 131 4.03 5.26 4.19
C GLN A 131 3.60 3.90 4.76
N VAL A 132 4.24 2.81 4.31
CA VAL A 132 3.90 1.47 4.82
C VAL A 132 4.73 1.22 6.08
N HIS A 133 4.05 1.05 7.22
CA HIS A 133 4.69 0.81 8.51
C HIS A 133 3.82 -0.15 9.33
N PHE A 134 4.26 -1.41 9.43
CA PHE A 134 3.52 -2.42 10.17
C PHE A 134 3.77 -2.34 11.67
N PRO A 135 2.74 -2.62 12.51
CA PRO A 135 2.98 -2.56 13.97
C PRO A 135 3.66 -3.83 14.47
N LYS A 136 4.03 -3.82 15.76
CA LYS A 136 4.59 -5.01 16.38
C LYS A 136 3.47 -5.90 16.88
N VAL A 137 2.37 -5.28 17.33
CA VAL A 137 1.23 -6.02 17.91
C VAL A 137 -0.12 -5.57 17.36
N LEU A 138 -1.18 -6.33 17.66
CA LEU A 138 -2.54 -6.03 17.24
C LEU A 138 -2.98 -4.63 17.69
N GLN A 139 -3.54 -3.84 16.74
CA GLN A 139 -3.98 -2.47 16.99
C GLN A 139 -5.51 -2.40 17.03
N CYS A 140 -6.08 -1.55 17.90
CA CYS A 140 -7.52 -1.37 18.12
C CYS A 140 -7.85 0.11 17.92
N LEU A 141 -9.00 0.42 17.33
CA LEU A 141 -9.42 1.80 17.11
C LEU A 141 -10.95 1.89 17.15
N ASN A 142 -11.48 2.91 17.85
CA ASN A 142 -12.92 3.16 17.87
C ASN A 142 -13.29 4.05 16.72
N ILE A 143 -14.36 3.67 16.02
CA ILE A 143 -14.91 4.37 14.88
C ILE A 143 -16.43 4.42 15.01
N SER A 144 -17.05 5.51 14.53
CA SER A 144 -18.49 5.68 14.61
C SER A 144 -19.15 5.44 13.24
N VAL A 145 -20.29 4.75 13.25
CA VAL A 145 -21.07 4.39 12.05
C VAL A 145 -21.68 5.66 11.48
N LEU A 146 -21.49 5.89 10.17
CA LEU A 146 -22.05 7.06 9.51
C LEU A 146 -23.39 6.66 8.91
N SER A 147 -24.28 7.64 8.71
CA SER A 147 -25.57 7.40 8.04
C SER A 147 -25.29 6.99 6.59
N GLN A 148 -26.18 6.15 6.00
CA GLN A 148 -26.03 5.70 4.61
C GLN A 148 -25.95 6.87 3.61
N LYS A 149 -26.61 8.02 3.94
CA LYS A 149 -26.58 9.27 3.15
C LYS A 149 -25.18 9.86 3.15
N ARG A 150 -24.53 10.00 4.33
CA ARG A 150 -23.16 10.51 4.45
C ARG A 150 -22.18 9.55 3.75
N CYS A 151 -22.44 8.22 3.81
CA CYS A 151 -21.62 7.20 3.13
C CYS A 151 -21.69 7.37 1.59
N GLU A 152 -22.92 7.56 1.05
CA GLU A 152 -23.20 7.80 -0.37
C GLU A 152 -22.51 9.09 -0.86
N ASP A 153 -22.57 10.19 -0.07
CA ASP A 153 -21.92 11.47 -0.38
C ASP A 153 -20.40 11.35 -0.47
N ALA A 154 -19.79 10.50 0.40
CA ALA A 154 -18.34 10.29 0.41
C ALA A 154 -17.88 9.48 -0.82
N TYR A 155 -18.66 8.47 -1.20
CA TYR A 155 -18.31 7.60 -2.33
C TYR A 155 -19.49 7.52 -3.30
N PRO A 156 -19.77 8.63 -4.05
CA PRO A 156 -20.95 8.63 -4.94
C PRO A 156 -20.96 7.50 -5.95
N ARG A 157 -22.11 6.79 -6.02
CA ARG A 157 -22.41 5.67 -6.93
C ARG A 157 -21.46 4.46 -6.72
N GLN A 158 -20.84 4.37 -5.53
CA GLN A 158 -19.91 3.28 -5.20
C GLN A 158 -20.44 2.43 -4.04
N ILE A 159 -21.50 2.91 -3.39
CA ILE A 159 -22.09 2.32 -2.18
C ILE A 159 -23.42 1.62 -2.43
N ASP A 160 -23.62 0.49 -1.74
CA ASP A 160 -24.88 -0.24 -1.68
C ASP A 160 -25.11 -0.73 -0.25
N ASP A 161 -26.29 -1.31 0.01
CA ASP A 161 -26.68 -1.80 1.36
C ASP A 161 -25.81 -2.93 1.91
N THR A 162 -24.87 -3.49 1.11
CA THR A 162 -24.00 -4.56 1.61
C THR A 162 -22.76 -3.94 2.30
N MET A 163 -22.71 -2.61 2.37
CA MET A 163 -21.63 -1.85 2.96
C MET A 163 -22.16 -0.79 3.94
N PHE A 164 -21.31 -0.40 4.89
CA PHE A 164 -21.55 0.75 5.78
C PHE A 164 -20.27 1.55 5.91
N CYS A 165 -20.38 2.87 6.14
CA CYS A 165 -19.22 3.74 6.34
C CYS A 165 -19.08 3.91 7.81
N ALA A 166 -17.83 3.99 8.26
CA ALA A 166 -17.56 4.20 9.67
C ALA A 166 -16.22 4.88 9.85
N GLY A 167 -16.18 5.77 10.82
CA GLY A 167 -14.95 6.47 11.15
C GLY A 167 -15.01 7.87 10.61
N ASP A 168 -15.48 8.77 11.46
CA ASP A 168 -15.72 10.17 11.15
C ASP A 168 -14.56 11.13 11.43
N LYS A 169 -13.50 10.64 12.11
CA LYS A 169 -12.39 11.52 12.51
C LYS A 169 -11.17 11.41 11.64
N ALA A 170 -10.77 12.56 11.05
CA ALA A 170 -9.57 12.66 10.22
C ALA A 170 -8.37 12.13 11.02
N GLY A 171 -7.52 11.37 10.37
CA GLY A 171 -6.35 10.79 11.00
C GLY A 171 -6.57 9.44 11.62
N ARG A 172 -7.83 8.94 11.61
CA ARG A 172 -8.19 7.65 12.17
C ARG A 172 -8.96 6.83 11.15
N ASP A 173 -8.48 5.62 10.86
CA ASP A 173 -9.07 4.71 9.85
C ASP A 173 -8.39 3.36 9.93
N SER A 174 -8.98 2.36 9.23
CA SER A 174 -8.34 1.07 9.04
C SER A 174 -7.56 1.32 7.73
N CYS A 175 -6.68 0.40 7.34
CA CYS A 175 -5.85 0.64 6.16
C CYS A 175 -5.39 -0.69 5.54
N GLN A 176 -4.50 -0.65 4.54
CA GLN A 176 -3.99 -1.88 3.92
C GLN A 176 -3.33 -2.82 4.94
N GLY A 177 -3.65 -4.11 4.79
CA GLY A 177 -3.20 -5.13 5.72
C GLY A 177 -4.26 -5.41 6.78
N ASP A 178 -5.25 -4.51 6.92
CA ASP A 178 -6.35 -4.72 7.90
C ASP A 178 -7.52 -5.49 7.31
N SER A 179 -7.55 -5.63 5.97
CA SER A 179 -8.62 -6.33 5.23
C SER A 179 -9.14 -7.59 5.94
N GLY A 180 -10.46 -7.70 5.99
CA GLY A 180 -11.14 -8.87 6.53
C GLY A 180 -11.18 -8.95 8.04
N GLY A 181 -10.59 -7.97 8.71
CA GLY A 181 -10.55 -7.90 10.16
C GLY A 181 -11.89 -7.46 10.73
N PRO A 182 -12.09 -7.61 12.05
CA PRO A 182 -13.39 -7.34 12.64
C PRO A 182 -13.74 -5.90 12.98
N VAL A 183 -15.06 -5.61 12.87
CA VAL A 183 -15.66 -4.36 13.34
C VAL A 183 -16.73 -4.83 14.32
N VAL A 184 -16.53 -4.52 15.61
CA VAL A 184 -17.38 -5.03 16.69
C VAL A 184 -18.10 -3.87 17.31
N CYS A 185 -19.44 -3.97 17.40
CA CYS A 185 -20.30 -2.93 17.95
C CYS A 185 -21.14 -3.55 19.05
N ASN A 186 -21.04 -3.02 20.28
CA ASN A 186 -21.81 -3.53 21.43
C ASN A 186 -21.74 -5.07 21.59
N GLY A 187 -20.52 -5.59 21.56
CA GLY A 187 -20.28 -7.02 21.78
C GLY A 187 -20.55 -7.95 20.61
N SER A 188 -21.08 -7.44 19.48
CA SER A 188 -21.31 -8.38 18.35
C SER A 188 -20.53 -7.97 17.09
N LEU A 189 -20.23 -8.95 16.23
CA LEU A 189 -19.48 -8.68 14.99
C LEU A 189 -20.43 -8.09 13.93
N GLN A 190 -20.21 -6.85 13.52
CA GLN A 190 -21.14 -6.20 12.56
C GLN A 190 -20.48 -5.79 11.23
N GLY A 191 -19.15 -5.79 11.22
CA GLY A 191 -18.44 -5.42 9.99
C GLY A 191 -17.16 -6.16 9.78
N LEU A 192 -16.67 -6.14 8.54
CA LEU A 192 -15.35 -6.61 8.13
C LEU A 192 -14.67 -5.44 7.49
N VAL A 193 -13.35 -5.31 7.68
CA VAL A 193 -12.58 -4.26 6.99
C VAL A 193 -12.64 -4.57 5.49
N SER A 194 -13.20 -3.65 4.69
CA SER A 194 -13.36 -3.92 3.26
C SER A 194 -12.49 -2.96 2.44
N TRP A 195 -12.84 -1.67 2.40
CA TRP A 195 -12.07 -0.73 1.55
C TRP A 195 -12.20 0.70 2.07
N GLY A 196 -11.82 1.65 1.23
CA GLY A 196 -11.88 3.05 1.62
C GLY A 196 -11.08 3.85 0.64
N ASP A 197 -10.44 4.91 1.11
CA ASP A 197 -9.66 5.73 0.22
C ASP A 197 -8.18 5.68 0.55
N TYR A 198 -7.34 6.14 -0.42
CA TYR A 198 -5.90 6.23 -0.31
C TYR A 198 -5.44 7.71 -0.47
N PRO A 199 -4.50 8.19 0.38
CA PRO A 199 -4.00 7.53 1.59
C PRO A 199 -5.17 7.31 2.56
N CYS A 200 -5.01 6.40 3.52
CA CYS A 200 -6.05 6.13 4.53
C CYS A 200 -6.19 7.33 5.45
N ALA A 201 -7.29 7.40 6.23
CA ALA A 201 -7.53 8.40 7.27
C ALA A 201 -7.67 9.84 6.77
N ARG A 202 -8.09 10.02 5.50
CA ARG A 202 -8.27 11.35 4.92
C ARG A 202 -9.55 12.00 5.47
N PRO A 203 -9.56 13.34 5.71
CA PRO A 203 -10.81 13.97 6.16
C PRO A 203 -11.92 13.76 5.14
N ASN A 204 -13.13 13.39 5.63
CA ASN A 204 -14.34 13.13 4.83
C ASN A 204 -14.26 11.87 3.91
N ARG A 205 -13.29 10.97 4.16
CA ARG A 205 -13.21 9.70 3.40
C ARG A 205 -13.27 8.58 4.45
N PRO A 206 -14.45 8.22 4.98
CA PRO A 206 -14.49 7.17 6.02
C PRO A 206 -14.15 5.79 5.46
N GLY A 207 -13.80 4.86 6.33
CA GLY A 207 -13.57 3.48 5.92
C GLY A 207 -14.90 2.85 5.53
N VAL A 208 -14.84 1.91 4.62
CA VAL A 208 -16.01 1.16 4.13
C VAL A 208 -15.89 -0.28 4.61
N TYR A 209 -16.97 -0.77 5.19
CA TYR A 209 -17.02 -2.06 5.86
C TYR A 209 -18.15 -2.95 5.34
N THR A 210 -17.91 -4.26 5.28
CA THR A 210 -18.94 -5.23 4.85
C THR A 210 -20.03 -5.19 5.92
N ASN A 211 -21.28 -4.97 5.49
CA ASN A 211 -22.44 -4.83 6.40
C ASN A 211 -22.99 -6.19 6.75
N LEU A 212 -22.39 -6.83 7.76
CA LEU A 212 -22.66 -8.22 8.09
C LEU A 212 -24.11 -8.56 8.53
N CYS A 213 -24.84 -7.59 9.08
CA CYS A 213 -26.24 -7.80 9.51
C CYS A 213 -27.10 -8.27 8.32
N LYS A 214 -26.72 -7.90 7.09
CA LYS A 214 -27.40 -8.29 5.84
C LYS A 214 -27.17 -9.77 5.40
N PHE A 215 -26.29 -10.52 6.10
CA PHE A 215 -25.85 -11.86 5.69
C PHE A 215 -25.99 -12.98 6.71
N THR A 216 -26.67 -12.76 7.85
CA THR A 216 -26.82 -13.79 8.87
C THR A 216 -27.46 -15.07 8.32
N LYS A 217 -28.48 -14.96 7.43
CA LYS A 217 -29.13 -16.15 6.83
C LYS A 217 -28.10 -16.91 6.00
N TRP A 218 -27.39 -16.19 5.05
CA TRP A 218 -26.33 -16.84 4.26
C TRP A 218 -25.27 -17.46 5.17
N ILE A 219 -24.78 -16.74 6.21
CA ILE A 219 -23.75 -17.30 7.12
C ILE A 219 -24.22 -18.59 7.80
N GLN A 220 -25.42 -18.54 8.42
CA GLN A 220 -26.02 -19.69 9.12
C GLN A 220 -26.23 -20.87 8.16
N GLU A 221 -26.89 -20.64 7.03
CA GLU A 221 -27.19 -21.69 6.03
C GLU A 221 -25.93 -22.32 5.41
N THR A 222 -24.89 -21.52 5.12
CA THR A 222 -23.63 -22.03 4.56
C THR A 222 -22.89 -22.88 5.59
N ILE A 223 -22.81 -22.44 6.87
CA ILE A 223 -22.14 -23.23 7.90
C ILE A 223 -22.87 -24.58 8.05
N GLN A 224 -24.21 -24.54 8.12
CA GLN A 224 -25.05 -25.75 8.27
C GLN A 224 -24.92 -26.70 7.09
N ALA A 225 -24.92 -26.17 5.84
CA ALA A 225 -24.78 -26.97 4.61
C ALA A 225 -23.38 -27.59 4.47
N ASN A 226 -22.38 -27.04 5.16
CA ASN A 226 -21.01 -27.55 5.09
C ASN A 226 -20.53 -28.14 6.42
N SER A 227 -21.46 -28.73 7.17
CA SER A 227 -21.20 -29.44 8.44
C SER A 227 -21.31 -30.97 8.20
N ILE B 1 8.47 -2.70 -7.65
CA ILE B 1 8.46 -3.01 -9.09
C ILE B 1 7.82 -4.38 -9.26
N ILE B 2 6.71 -4.43 -9.98
CA ILE B 2 5.97 -5.67 -10.27
C ILE B 2 6.56 -6.35 -11.51
N ASN B 3 6.94 -7.61 -11.34
CA ASN B 3 7.46 -8.49 -12.39
C ASN B 3 8.69 -7.92 -13.14
N GLY B 4 9.57 -7.30 -12.35
CA GLY B 4 10.86 -6.84 -12.82
C GLY B 4 11.85 -7.95 -12.45
N SER B 5 13.15 -7.63 -12.46
CA SER B 5 14.18 -8.59 -12.06
C SER B 5 15.26 -7.89 -11.24
N ASP B 6 16.11 -8.65 -10.52
CA ASP B 6 17.20 -8.06 -9.74
C ASP B 6 18.06 -7.29 -10.72
N CYS B 7 18.36 -6.01 -10.43
CA CYS B 7 19.22 -5.20 -11.31
C CYS B 7 20.60 -5.85 -11.32
N ASP B 8 21.38 -5.64 -12.35
CA ASP B 8 22.74 -6.19 -12.26
C ASP B 8 23.50 -5.29 -11.26
N MET B 9 24.36 -5.87 -10.39
CA MET B 9 25.10 -5.07 -9.41
C MET B 9 25.95 -4.01 -10.14
N HIS B 10 26.11 -2.81 -9.54
CA HIS B 10 26.87 -1.66 -10.08
C HIS B 10 26.34 -1.09 -11.43
N THR B 11 25.08 -1.38 -11.84
CA THR B 11 24.57 -0.89 -13.14
C THR B 11 23.65 0.32 -13.07
N GLN B 12 23.15 0.67 -11.87
CA GLN B 12 22.26 1.83 -11.72
C GLN B 12 22.94 2.77 -10.70
N PRO B 13 24.12 3.37 -11.05
CA PRO B 13 24.85 4.19 -10.05
C PRO B 13 24.23 5.53 -9.66
N TRP B 14 23.17 5.92 -10.36
CA TRP B 14 22.43 7.15 -10.09
C TRP B 14 21.25 6.88 -9.15
N GLN B 15 20.95 5.59 -8.86
CA GLN B 15 19.83 5.25 -7.99
C GLN B 15 20.11 5.67 -6.54
N ALA B 16 19.17 6.39 -5.92
CA ALA B 16 19.33 6.78 -4.53
C ALA B 16 18.13 6.27 -3.72
N ALA B 17 18.30 6.21 -2.39
CA ALA B 17 17.23 5.85 -1.45
C ALA B 17 17.11 6.96 -0.43
N LEU B 18 15.88 7.40 -0.18
CA LEU B 18 15.59 8.40 0.85
C LEU B 18 15.13 7.61 2.03
N LEU B 19 15.86 7.73 3.13
CA LEU B 19 15.60 6.96 4.33
C LEU B 19 15.07 7.82 5.44
N LEU B 20 14.15 7.24 6.21
CA LEU B 20 13.60 7.87 7.41
C LEU B 20 14.21 7.14 8.60
N ARG B 21 14.21 7.77 9.77
CA ARG B 21 14.73 7.16 10.99
C ARG B 21 13.80 6.05 11.47
N PRO B 22 14.37 4.84 11.62
CA PRO B 22 15.81 4.57 11.55
C PRO B 22 16.37 4.13 10.20
N ASN B 23 15.88 3.04 9.63
CA ASN B 23 16.40 2.61 8.33
C ASN B 23 15.30 2.35 7.33
N GLN B 24 14.16 3.03 7.53
CA GLN B 24 12.97 2.86 6.71
C GLN B 24 13.20 3.46 5.33
N LEU B 25 13.16 2.62 4.30
CA LEU B 25 13.29 3.14 2.94
C LEU B 25 11.95 3.83 2.68
N TYR B 26 11.98 5.13 2.39
CA TYR B 26 10.79 5.95 2.22
C TYR B 26 10.40 6.10 0.75
N CYS B 27 11.35 6.56 -0.06
CA CYS B 27 11.14 6.81 -1.48
C CYS B 27 12.44 6.57 -2.21
N GLY B 28 12.31 6.36 -3.52
CA GLY B 28 13.45 6.34 -4.43
C GLY B 28 13.79 7.78 -4.76
N ALA B 29 14.98 8.01 -5.34
CA ALA B 29 15.48 9.29 -5.78
C ALA B 29 16.56 9.00 -6.80
N VAL B 30 16.98 10.04 -7.52
CA VAL B 30 17.96 9.90 -8.59
C VAL B 30 19.01 11.01 -8.49
N LEU B 31 20.29 10.61 -8.52
CA LEU B 31 21.42 11.54 -8.54
C LEU B 31 21.54 12.20 -9.94
N VAL B 32 21.31 13.52 -10.02
CA VAL B 32 21.34 14.24 -11.30
C VAL B 32 22.49 15.24 -11.44
N HIS B 33 23.25 15.44 -10.36
CA HIS B 33 24.35 16.39 -10.27
C HIS B 33 25.25 15.87 -9.14
N PRO B 34 26.56 16.22 -9.09
CA PRO B 34 27.37 15.76 -7.95
C PRO B 34 26.83 16.14 -6.55
N GLN B 35 25.95 17.16 -6.46
CA GLN B 35 25.38 17.57 -5.16
C GLN B 35 23.84 17.63 -5.13
N TRP B 36 23.14 17.09 -6.17
CA TRP B 36 21.67 17.16 -6.19
C TRP B 36 20.96 15.89 -6.63
N LEU B 37 19.78 15.65 -6.03
CA LEU B 37 18.89 14.57 -6.41
C LEU B 37 17.59 15.15 -6.92
N LEU B 38 16.88 14.34 -7.68
CA LEU B 38 15.49 14.54 -8.03
C LEU B 38 14.72 13.43 -7.32
N THR B 39 13.53 13.75 -6.82
CA THR B 39 12.62 12.77 -6.26
C THR B 39 11.21 13.27 -6.58
N ALA B 40 10.17 12.51 -6.24
CA ALA B 40 8.82 12.99 -6.50
C ALA B 40 8.51 14.03 -5.41
N ALA B 41 7.80 15.09 -5.76
CA ALA B 41 7.41 16.11 -4.78
C ALA B 41 6.45 15.53 -3.73
N HIS B 42 5.75 14.40 -4.05
CA HIS B 42 4.84 13.77 -3.07
C HIS B 42 5.60 13.04 -1.96
N CYS B 43 6.94 12.86 -2.13
CA CYS B 43 7.82 12.25 -1.12
C CYS B 43 8.21 13.41 -0.16
N ARG B 44 7.22 13.93 0.53
CA ARG B 44 7.26 15.17 1.33
C ARG B 44 7.95 15.09 2.67
N LYS B 45 7.87 13.96 3.35
CA LYS B 45 8.48 13.81 4.68
C LYS B 45 9.95 14.22 4.70
N LYS B 46 10.38 14.93 5.76
CA LYS B 46 11.77 15.38 5.88
C LYS B 46 12.66 14.12 5.91
N VAL B 47 13.61 14.05 4.95
CA VAL B 47 14.52 12.91 4.81
C VAL B 47 15.56 12.91 5.95
N PHE B 48 15.81 11.74 6.54
CA PHE B 48 16.83 11.57 7.58
C PHE B 48 18.22 11.42 6.91
N ARG B 49 18.36 10.42 6.02
CA ARG B 49 19.59 10.17 5.31
C ARG B 49 19.33 9.80 3.85
N VAL B 50 20.23 10.24 2.97
CA VAL B 50 20.25 9.90 1.55
C VAL B 50 21.27 8.76 1.47
N ARG B 51 20.89 7.61 0.86
CA ARG B 51 21.81 6.50 0.67
C ARG B 51 22.07 6.28 -0.83
N LEU B 52 23.36 6.35 -1.23
CA LEU B 52 23.80 6.13 -2.61
C LEU B 52 24.75 4.94 -2.69
N GLY B 53 24.95 4.39 -3.91
CA GLY B 53 25.85 3.27 -4.23
C GLY B 53 25.61 2.00 -3.42
N HIS B 54 24.32 1.75 -3.15
CA HIS B 54 23.83 0.65 -2.32
CA HIS B 54 23.83 0.65 -2.31
C HIS B 54 22.77 -0.16 -3.06
N TYR B 55 22.98 -1.48 -3.14
CA TYR B 55 22.14 -2.41 -3.87
C TYR B 55 20.99 -3.03 -3.07
N SER B 56 21.27 -3.47 -1.84
CA SER B 56 20.23 -4.15 -1.07
C SER B 56 19.27 -3.20 -0.40
N LEU B 57 18.09 -3.71 -0.07
CA LEU B 57 17.07 -2.94 0.64
C LEU B 57 17.51 -2.78 2.11
N SER B 58 18.14 -3.82 2.67
CA SER B 58 18.68 -3.88 4.04
C SER B 58 19.74 -2.79 4.30
N PRO B 59 19.95 -2.33 5.56
CA PRO B 59 21.03 -1.35 5.84
C PRO B 59 22.44 -1.94 5.95
N VAL B 60 22.59 -3.22 5.59
CA VAL B 60 23.85 -3.97 5.60
C VAL B 60 24.90 -3.26 4.73
N TYR B 61 26.07 -2.98 5.32
CA TYR B 61 27.18 -2.27 4.68
C TYR B 61 27.59 -2.84 3.33
N GLU B 62 27.85 -1.95 2.37
CA GLU B 62 28.34 -2.26 1.03
C GLU B 62 29.44 -1.24 0.77
N SER B 63 30.61 -1.71 0.28
CA SER B 63 31.80 -0.88 0.05
C SER B 63 31.57 0.35 -0.86
N GLY B 64 30.62 0.28 -1.78
CA GLY B 64 30.34 1.42 -2.66
C GLY B 64 29.39 2.47 -2.12
N GLN B 65 28.82 2.25 -0.93
CA GLN B 65 27.83 3.16 -0.38
C GLN B 65 28.40 4.51 0.07
N GLN B 66 27.57 5.56 -0.09
CA GLN B 66 27.88 6.92 0.34
C GLN B 66 26.63 7.52 0.99
N MET B 67 26.77 7.99 2.25
CA MET B 67 25.69 8.59 3.05
C MET B 67 25.75 10.09 3.06
N PHE B 68 24.56 10.73 2.94
CA PHE B 68 24.42 12.17 2.91
C PHE B 68 23.20 12.60 3.69
N GLN B 69 23.12 13.90 3.90
CA GLN B 69 21.98 14.57 4.48
C GLN B 69 21.46 15.57 3.45
N GLY B 70 20.16 15.79 3.44
CA GLY B 70 19.54 16.78 2.58
C GLY B 70 19.62 18.12 3.30
N VAL B 71 20.00 19.19 2.61
CA VAL B 71 20.10 20.54 3.22
C VAL B 71 19.10 21.51 2.61
N LYS B 72 18.62 21.18 1.41
CA LYS B 72 17.57 21.91 0.71
C LYS B 72 16.70 20.86 0.02
N SER B 73 15.38 21.11 0.01
CA SER B 73 14.40 20.26 -0.67
C SER B 73 13.45 21.22 -1.29
N ILE B 74 13.59 21.37 -2.59
CA ILE B 74 12.83 22.36 -3.32
C ILE B 74 11.85 21.66 -4.23
N PRO B 75 10.54 21.61 -3.84
CA PRO B 75 9.55 21.04 -4.77
C PRO B 75 9.32 22.02 -5.91
N HIS B 76 8.91 21.55 -7.07
CA HIS B 76 8.61 22.45 -8.19
C HIS B 76 7.52 23.43 -7.71
N PRO B 77 7.64 24.76 -7.97
CA PRO B 77 6.59 25.68 -7.50
C PRO B 77 5.19 25.42 -8.03
N GLY B 78 5.05 24.64 -9.10
CA GLY B 78 3.73 24.33 -9.66
C GLY B 78 3.05 23.14 -9.00
N TYR B 79 3.78 22.42 -8.14
CA TYR B 79 3.24 21.27 -7.41
C TYR B 79 2.27 21.84 -6.33
N SER B 80 1.15 21.20 -6.15
CA SER B 80 0.16 21.57 -5.16
C SER B 80 -0.43 20.27 -4.57
N HIS B 81 0.17 19.80 -3.44
CA HIS B 81 -0.23 18.58 -2.74
C HIS B 81 -1.74 18.62 -2.40
N PRO B 82 -2.51 17.53 -2.63
CA PRO B 82 -2.12 16.19 -3.12
C PRO B 82 -2.26 15.96 -4.63
N GLY B 83 -2.37 17.02 -5.42
CA GLY B 83 -2.46 16.88 -6.88
C GLY B 83 -1.21 16.26 -7.52
N HIS B 84 -1.40 15.54 -8.64
CA HIS B 84 -0.29 14.86 -9.32
C HIS B 84 0.61 15.72 -10.21
N SER B 85 0.11 16.87 -10.69
CA SER B 85 0.91 17.75 -11.58
C SER B 85 2.22 18.26 -11.00
N ASN B 86 3.27 18.36 -11.83
CA ASN B 86 4.58 18.89 -11.44
C ASN B 86 5.17 18.11 -10.28
N ASP B 87 5.11 16.79 -10.38
CA ASP B 87 5.53 15.93 -9.30
C ASP B 87 7.03 15.70 -9.29
N LEU B 88 7.81 16.76 -9.02
CA LEU B 88 9.26 16.67 -8.91
C LEU B 88 9.78 17.60 -7.84
N MET B 89 10.88 17.20 -7.24
CA MET B 89 11.52 17.97 -6.20
C MET B 89 13.02 17.76 -6.26
N LEU B 90 13.78 18.85 -6.08
CA LEU B 90 15.23 18.79 -6.03
C LEU B 90 15.72 18.71 -4.59
N ILE B 91 16.65 17.80 -4.29
CA ILE B 91 17.24 17.67 -2.96
C ILE B 91 18.72 17.98 -3.05
N LYS B 92 19.19 18.98 -2.27
CA LYS B 92 20.62 19.31 -2.26
C LYS B 92 21.28 18.49 -1.19
N LEU B 93 22.38 17.80 -1.55
CA LEU B 93 23.14 17.01 -0.58
C LEU B 93 24.06 17.96 0.22
N ASN B 94 24.44 17.54 1.44
CA ASN B 94 25.32 18.33 2.33
C ASN B 94 26.73 18.53 1.78
N ARG B 95 27.17 17.58 0.92
CA ARG B 95 28.48 17.63 0.24
C ARG B 95 28.35 16.97 -1.12
N ARG B 96 29.30 17.27 -2.03
CA ARG B 96 29.38 16.65 -3.34
C ARG B 96 29.76 15.18 -3.17
N ILE B 97 29.29 14.32 -4.09
CA ILE B 97 29.60 12.88 -4.04
C ILE B 97 31.09 12.63 -4.34
N ARG B 98 31.58 11.44 -3.98
CA ARG B 98 32.91 10.93 -4.32
C ARG B 98 32.65 10.13 -5.63
N PRO B 99 33.07 10.61 -6.82
CA PRO B 99 32.76 9.86 -8.05
C PRO B 99 33.38 8.45 -8.11
N THR B 100 32.52 7.41 -8.16
CA THR B 100 32.93 6.00 -8.26
C THR B 100 32.09 5.27 -9.30
N LYS B 101 32.37 3.96 -9.50
CA LYS B 101 31.59 3.14 -10.43
C LYS B 101 30.18 2.89 -9.85
N ASP B 102 30.03 3.00 -8.50
CA ASP B 102 28.77 2.80 -7.79
C ASP B 102 27.96 4.09 -7.61
N VAL B 103 28.63 5.25 -7.64
CA VAL B 103 27.96 6.55 -7.42
C VAL B 103 28.30 7.47 -8.58
N ARG B 104 27.31 7.70 -9.46
CA ARG B 104 27.49 8.51 -10.65
C ARG B 104 26.22 9.25 -11.03
N PRO B 105 26.28 10.57 -11.31
CA PRO B 105 25.06 11.29 -11.75
C PRO B 105 24.60 10.90 -13.16
N ILE B 106 23.32 11.15 -13.43
CA ILE B 106 22.71 10.90 -14.74
C ILE B 106 22.09 12.22 -15.21
N ASN B 107 22.13 12.47 -16.51
CA ASN B 107 21.61 13.72 -17.05
C ASN B 107 20.17 13.59 -17.51
N VAL B 108 19.44 14.69 -17.39
CA VAL B 108 18.05 14.82 -17.87
C VAL B 108 18.13 15.53 -19.20
N SER B 109 17.52 14.93 -20.23
CA SER B 109 17.54 15.54 -21.56
C SER B 109 16.25 16.29 -21.79
N SER B 110 16.34 17.43 -22.52
CA SER B 110 15.17 18.21 -22.88
C SER B 110 14.39 17.51 -23.99
N HIS B 111 14.95 16.43 -24.63
CA HIS B 111 14.19 15.72 -25.64
C HIS B 111 13.20 14.81 -24.93
N CYS B 112 11.92 14.98 -25.23
CA CYS B 112 10.89 14.15 -24.61
C CYS B 112 10.89 12.77 -25.28
N PRO B 113 10.92 11.66 -24.52
CA PRO B 113 10.93 10.34 -25.18
C PRO B 113 9.65 10.12 -25.95
N SER B 114 9.75 9.56 -27.15
CA SER B 114 8.60 9.35 -28.02
C SER B 114 7.82 8.09 -27.70
N ALA B 115 6.54 8.02 -28.10
CA ALA B 115 5.69 6.85 -27.88
C ALA B 115 6.33 5.60 -28.51
N GLY B 116 6.39 4.53 -27.73
CA GLY B 116 7.01 3.27 -28.14
C GLY B 116 8.43 3.12 -27.62
N THR B 117 9.06 4.21 -27.13
CA THR B 117 10.42 4.16 -26.59
C THR B 117 10.48 3.21 -25.38
N LYS B 118 11.49 2.36 -25.35
CA LYS B 118 11.73 1.43 -24.24
C LYS B 118 12.55 2.14 -23.14
N CYS B 119 12.04 2.13 -21.91
CA CYS B 119 12.70 2.74 -20.76
C CYS B 119 12.83 1.76 -19.62
N LEU B 120 13.82 1.99 -18.76
CA LEU B 120 14.01 1.16 -17.58
C LEU B 120 13.58 1.94 -16.32
N VAL B 121 12.72 1.31 -15.50
CA VAL B 121 12.27 1.84 -14.21
C VAL B 121 12.87 0.96 -13.06
N SER B 122 13.28 1.58 -11.95
CA SER B 122 13.90 0.76 -10.88
C SER B 122 13.45 1.22 -9.51
N GLY B 123 13.47 0.29 -8.55
CA GLY B 123 13.06 0.64 -7.20
C GLY B 123 13.05 -0.52 -6.24
N TRP B 124 12.83 -0.21 -4.96
CA TRP B 124 12.78 -1.19 -3.86
C TRP B 124 11.35 -1.33 -3.35
N GLY B 125 10.39 -0.82 -4.12
CA GLY B 125 8.97 -0.88 -3.77
C GLY B 125 8.43 -2.30 -3.86
N THR B 126 7.16 -2.47 -3.50
CA THR B 126 6.57 -3.81 -3.52
C THR B 126 6.68 -4.52 -4.88
N THR B 127 6.94 -5.83 -4.87
CA THR B 127 7.04 -6.67 -6.07
C THR B 127 5.70 -7.35 -6.34
N LYS B 128 4.73 -7.18 -5.42
CA LYS B 128 3.39 -7.70 -5.55
C LYS B 128 2.38 -6.58 -5.28
N SER B 129 1.18 -6.73 -5.81
CA SER B 129 0.09 -5.80 -5.54
C SER B 129 -1.20 -6.56 -5.80
N PRO B 130 -2.23 -6.52 -4.91
CA PRO B 130 -2.35 -5.72 -3.67
C PRO B 130 -1.51 -6.14 -2.47
N GLN B 131 -0.94 -7.36 -2.45
CA GLN B 131 -0.12 -7.82 -1.34
C GLN B 131 1.19 -7.01 -1.27
N VAL B 132 1.56 -6.52 -0.08
CA VAL B 132 2.80 -5.76 0.10
C VAL B 132 3.93 -6.76 0.33
N HIS B 133 4.89 -6.81 -0.60
CA HIS B 133 5.99 -7.74 -0.56
C HIS B 133 7.25 -7.03 -1.07
N PHE B 134 8.13 -6.61 -0.15
CA PHE B 134 9.35 -5.90 -0.52
C PHE B 134 10.44 -6.83 -1.01
N PRO B 135 11.27 -6.39 -2.00
CA PRO B 135 12.36 -7.28 -2.47
C PRO B 135 13.56 -7.26 -1.54
N LYS B 136 14.56 -8.08 -1.83
CA LYS B 136 15.80 -8.07 -1.09
C LYS B 136 16.75 -7.05 -1.69
N VAL B 137 16.72 -6.92 -3.01
CA VAL B 137 17.64 -6.02 -3.73
C VAL B 137 16.91 -5.13 -4.74
N LEU B 138 17.64 -4.14 -5.30
CA LEU B 138 17.09 -3.23 -6.31
C LEU B 138 16.54 -4.00 -7.52
N GLN B 139 15.29 -3.66 -7.93
CA GLN B 139 14.59 -4.30 -9.05
C GLN B 139 14.57 -3.37 -10.27
N CYS B 140 14.67 -3.93 -11.48
CA CYS B 140 14.71 -3.22 -12.77
C CYS B 140 13.61 -3.78 -13.66
N LEU B 141 12.95 -2.92 -14.44
CA LEU B 141 11.89 -3.37 -15.32
C LEU B 141 11.84 -2.47 -16.56
N ASN B 142 11.70 -3.07 -17.74
CA ASN B 142 11.56 -2.30 -18.97
C ASN B 142 10.09 -2.04 -19.22
N ILE B 143 9.78 -0.79 -19.59
CA ILE B 143 8.43 -0.32 -19.86
C ILE B 143 8.47 0.57 -21.11
N SER B 144 7.39 0.57 -21.90
CA SER B 144 7.31 1.40 -23.11
C SER B 144 6.44 2.63 -22.92
N VAL B 145 6.90 3.78 -23.43
CA VAL B 145 6.22 5.09 -23.36
C VAL B 145 4.96 5.03 -24.21
N LEU B 146 3.83 5.41 -23.63
CA LEU B 146 2.56 5.40 -24.36
C LEU B 146 2.34 6.79 -24.94
N SER B 147 1.54 6.88 -26.01
CA SER B 147 1.17 8.18 -26.60
C SER B 147 0.33 8.94 -25.57
N GLN B 148 0.41 10.28 -25.59
CA GLN B 148 -0.37 11.12 -24.66
C GLN B 148 -1.90 10.88 -24.76
N LYS B 149 -2.38 10.47 -25.96
CA LYS B 149 -3.79 10.12 -26.22
C LYS B 149 -4.18 8.85 -25.44
N ARG B 150 -3.34 7.79 -25.52
CA ARG B 150 -3.56 6.54 -24.78
C ARG B 150 -3.48 6.79 -23.26
N CYS B 151 -2.59 7.71 -22.83
CA CYS B 151 -2.46 8.09 -21.43
C CYS B 151 -3.77 8.77 -20.92
N GLU B 152 -4.32 9.70 -21.73
CA GLU B 152 -5.58 10.41 -21.45
C GLU B 152 -6.77 9.43 -21.37
N ASP B 153 -6.84 8.43 -22.28
CA ASP B 153 -7.89 7.39 -22.29
C ASP B 153 -7.88 6.55 -21.01
N ALA B 154 -6.67 6.25 -20.48
CA ALA B 154 -6.52 5.45 -19.27
C ALA B 154 -6.93 6.23 -18.02
N TYR B 155 -6.59 7.52 -17.96
CA TYR B 155 -6.89 8.37 -16.81
C TYR B 155 -7.59 9.65 -17.26
N PRO B 156 -8.88 9.55 -17.71
CA PRO B 156 -9.55 10.75 -18.23
C PRO B 156 -9.64 11.89 -17.22
N ARG B 157 -9.29 13.10 -17.70
CA ARG B 157 -9.29 14.38 -16.96
C ARG B 157 -8.29 14.39 -15.77
N GLN B 158 -7.30 13.47 -15.78
CA GLN B 158 -6.32 13.35 -14.70
C GLN B 158 -4.90 13.62 -15.21
N ILE B 159 -4.73 13.70 -16.53
CA ILE B 159 -3.43 13.84 -17.17
C ILE B 159 -3.16 15.23 -17.75
N ASP B 160 -1.92 15.69 -17.64
CA ASP B 160 -1.41 16.91 -18.27
C ASP B 160 -0.01 16.65 -18.82
N ASP B 161 0.57 17.62 -19.56
CA ASP B 161 1.89 17.45 -20.18
CA ASP B 161 1.89 17.46 -20.18
C ASP B 161 3.06 17.33 -19.18
N THR B 162 2.80 17.46 -17.85
CA THR B 162 3.88 17.30 -16.86
C THR B 162 4.03 15.78 -16.50
N MET B 163 3.22 14.94 -17.15
CA MET B 163 3.18 13.50 -16.93
C MET B 163 3.27 12.74 -18.27
N PHE B 164 3.75 11.49 -18.22
CA PHE B 164 3.69 10.56 -19.34
C PHE B 164 3.30 9.18 -18.80
N CYS B 165 2.62 8.38 -19.61
CA CYS B 165 2.24 7.01 -19.25
C CYS B 165 3.25 6.10 -19.84
N ALA B 166 3.56 5.04 -19.13
CA ALA B 166 4.52 4.05 -19.61
C ALA B 166 4.22 2.70 -18.99
N GLY B 167 4.40 1.68 -19.79
CA GLY B 167 4.21 0.31 -19.34
C GLY B 167 2.89 -0.20 -19.85
N ASP B 168 2.94 -0.85 -21.03
CA ASP B 168 1.80 -1.37 -21.77
C ASP B 168 1.45 -2.84 -21.47
N LYS B 169 2.27 -3.53 -20.66
CA LYS B 169 2.06 -4.96 -20.42
C LYS B 169 1.44 -5.26 -19.08
N ALA B 170 0.24 -5.90 -19.09
CA ALA B 170 -0.45 -6.34 -17.88
C ALA B 170 0.54 -7.19 -17.06
N GLY B 171 0.55 -6.99 -15.75
CA GLY B 171 1.42 -7.73 -14.86
C GLY B 171 2.78 -7.07 -14.63
N ARG B 172 3.06 -5.94 -15.31
CA ARG B 172 4.33 -5.22 -15.19
C ARG B 172 4.06 -3.75 -14.96
N ASP B 173 4.63 -3.21 -13.88
CA ASP B 173 4.44 -1.81 -13.46
C ASP B 173 5.38 -1.47 -12.32
N SER B 174 5.47 -0.15 -11.98
CA SER B 174 6.16 0.28 -10.78
C SER B 174 5.00 0.25 -9.77
N CYS B 175 5.29 0.42 -8.48
CA CYS B 175 4.23 0.32 -7.47
C CYS B 175 4.62 1.09 -6.21
N GLN B 176 3.82 0.99 -5.15
CA GLN B 176 4.11 1.55 -3.81
C GLN B 176 5.53 1.31 -3.35
N GLY B 177 6.21 2.34 -2.89
CA GLY B 177 7.59 2.23 -2.44
C GLY B 177 8.59 2.55 -3.55
N ASP B 178 8.12 2.61 -4.81
CA ASP B 178 9.00 2.96 -5.94
C ASP B 178 9.04 4.45 -6.22
N SER B 179 8.11 5.21 -5.62
CA SER B 179 8.00 6.67 -5.78
C SER B 179 9.34 7.41 -5.86
N GLY B 180 9.45 8.30 -6.83
CA GLY B 180 10.61 9.15 -7.02
C GLY B 180 11.81 8.50 -7.65
N GLY B 181 11.70 7.21 -7.95
CA GLY B 181 12.76 6.43 -8.57
C GLY B 181 12.91 6.77 -10.05
N PRO B 182 14.03 6.35 -10.67
CA PRO B 182 14.27 6.75 -12.06
C PRO B 182 13.61 5.95 -13.16
N VAL B 183 13.30 6.69 -14.27
CA VAL B 183 12.85 6.11 -15.54
C VAL B 183 13.91 6.60 -16.54
N VAL B 184 14.72 5.65 -17.06
CA VAL B 184 15.87 5.98 -17.92
C VAL B 184 15.59 5.44 -19.30
N CYS B 185 15.69 6.33 -20.31
CA CYS B 185 15.43 5.99 -21.71
C CYS B 185 16.68 6.36 -22.51
N ASN B 186 17.31 5.38 -23.18
CA ASN B 186 18.49 5.64 -24.01
C ASN B 186 19.59 6.45 -23.31
N GLY B 187 19.96 6.02 -22.12
CA GLY B 187 21.05 6.63 -21.36
C GLY B 187 20.70 7.91 -20.60
N SER B 188 19.50 8.47 -20.79
CA SER B 188 19.20 9.71 -20.04
C SER B 188 17.99 9.57 -19.11
N LEU B 189 17.96 10.37 -18.05
CA LEU B 189 16.84 10.32 -17.07
C LEU B 189 15.65 11.11 -17.63
N GLN B 190 14.52 10.44 -17.88
CA GLN B 190 13.37 11.10 -18.50
C GLN B 190 12.09 11.09 -17.65
N GLY B 191 12.07 10.23 -16.65
CA GLY B 191 10.91 10.16 -15.76
C GLY B 191 11.26 9.86 -14.32
N LEU B 192 10.30 10.13 -13.43
CA LEU B 192 10.31 9.76 -12.01
C LEU B 192 9.07 8.94 -11.78
N VAL B 193 9.14 7.93 -10.92
CA VAL B 193 7.96 7.14 -10.55
C VAL B 193 7.01 8.09 -9.81
N SER B 194 5.80 8.28 -10.35
CA SER B 194 4.87 9.23 -9.72
C SER B 194 3.64 8.52 -9.19
N TRP B 195 2.76 8.03 -10.07
CA TRP B 195 1.51 7.40 -9.59
C TRP B 195 1.00 6.37 -10.60
N GLY B 196 -0.26 5.97 -10.43
CA GLY B 196 -0.85 4.98 -11.31
C GLY B 196 -2.10 4.48 -10.68
N ASP B 197 -2.41 3.21 -10.90
CA ASP B 197 -3.63 2.65 -10.34
C ASP B 197 -3.33 1.56 -9.33
N TYR B 198 -4.36 1.20 -8.53
CA TYR B 198 -4.33 0.17 -7.50
C TYR B 198 -5.39 -0.89 -7.80
N PRO B 199 -5.04 -2.20 -7.68
CA PRO B 199 -3.68 -2.73 -7.49
C PRO B 199 -2.81 -2.31 -8.69
N CYS B 200 -1.48 -2.36 -8.53
CA CYS B 200 -0.55 -2.02 -9.62
C CYS B 200 -0.61 -3.08 -10.70
N ALA B 201 -0.06 -2.79 -11.90
CA ALA B 201 0.08 -3.72 -13.03
C ALA B 201 -1.23 -4.22 -13.63
N ARG B 202 -2.33 -3.44 -13.49
CA ARG B 202 -3.65 -3.83 -14.02
C ARG B 202 -3.68 -3.66 -15.55
N PRO B 203 -4.38 -4.55 -16.29
CA PRO B 203 -4.48 -4.35 -17.74
C PRO B 203 -5.10 -2.99 -18.07
N ASN B 204 -4.47 -2.25 -19.01
CA ASN B 204 -4.89 -0.92 -19.50
C ASN B 204 -4.80 0.22 -18.44
N ARG B 205 -4.02 0.00 -17.36
CA ARG B 205 -3.79 1.07 -16.36
C ARG B 205 -2.26 1.26 -16.28
N PRO B 206 -1.64 1.98 -17.25
CA PRO B 206 -0.18 2.12 -17.19
C PRO B 206 0.29 2.98 -16.01
N GLY B 207 1.57 2.87 -15.66
CA GLY B 207 2.13 3.75 -14.62
C GLY B 207 2.23 5.16 -15.17
N VAL B 208 2.14 6.12 -14.29
CA VAL B 208 2.24 7.55 -14.60
C VAL B 208 3.51 8.09 -14.01
N TYR B 209 4.26 8.81 -14.84
CA TYR B 209 5.60 9.27 -14.54
C TYR B 209 5.77 10.76 -14.75
N THR B 210 6.58 11.41 -13.91
CA THR B 210 6.87 12.86 -14.04
C THR B 210 7.67 13.01 -15.34
N ASN B 211 7.22 13.88 -16.23
CA ASN B 211 7.84 14.09 -17.55
C ASN B 211 8.97 15.09 -17.45
N LEU B 212 10.14 14.63 -17.11
CA LEU B 212 11.27 15.46 -16.79
C LEU B 212 11.79 16.37 -17.91
N CYS B 213 11.56 16.02 -19.18
CA CYS B 213 11.99 16.84 -20.34
C CYS B 213 11.36 18.23 -20.27
N LYS B 214 10.18 18.36 -19.62
CA LYS B 214 9.46 19.63 -19.43
C LYS B 214 10.08 20.56 -18.35
N PHE B 215 11.10 20.11 -17.60
CA PHE B 215 11.67 20.81 -16.44
C PHE B 215 13.18 21.07 -16.45
N THR B 216 13.88 20.82 -17.56
CA THR B 216 15.32 21.05 -17.63
C THR B 216 15.72 22.47 -17.26
N LYS B 217 14.97 23.50 -17.71
CA LYS B 217 15.25 24.91 -17.38
C LYS B 217 15.11 25.10 -15.88
N TRP B 218 13.94 24.69 -15.28
CA TRP B 218 13.75 24.77 -13.82
C TRP B 218 14.87 24.03 -13.08
N ILE B 219 15.22 22.79 -13.50
CA ILE B 219 16.28 22.02 -12.81
C ILE B 219 17.63 22.76 -12.84
N GLN B 220 18.05 23.21 -14.05
CA GLN B 220 19.31 23.92 -14.24
C GLN B 220 19.33 25.22 -13.43
N GLU B 221 18.30 26.08 -13.58
CA GLU B 221 18.19 27.36 -12.88
C GLU B 221 18.16 27.22 -11.35
N THR B 222 17.43 26.22 -10.81
CA THR B 222 17.35 25.97 -9.36
C THR B 222 18.70 25.53 -8.82
N ILE B 223 19.41 24.60 -9.51
CA ILE B 223 20.73 24.14 -9.07
C ILE B 223 21.70 25.34 -9.06
N GLN B 224 21.71 26.14 -10.15
CA GLN B 224 22.57 27.32 -10.28
C GLN B 224 22.27 28.40 -9.21
N ALA B 225 20.98 28.71 -8.99
CA ALA B 225 20.56 29.69 -7.98
C ALA B 225 20.87 29.26 -6.54
N ASN B 226 21.07 27.95 -6.31
CA ASN B 226 21.36 27.42 -4.97
C ASN B 226 22.76 26.80 -4.89
N SER B 227 23.72 27.36 -5.66
CA SER B 227 25.13 26.92 -5.71
C SER B 227 25.98 27.66 -4.69
#